data_6T5D
#
_entry.id   6T5D
#
_cell.length_a   62.800
_cell.length_b   89.260
_cell.length_c   61.490
_cell.angle_alpha   90.000
_cell.angle_beta   96.670
_cell.angle_gamma   90.000
#
_symmetry.space_group_name_H-M   'C 1 2 1'
#
loop_
_entity.id
_entity.type
_entity.pdbx_description
1 polymer 'Genome polyprotein'
2 polymer 'Genome polyprotein'
3 non-polymer 2-phenylmethoxyaniline
4 water water
#
loop_
_entity_poly.entity_id
_entity_poly.type
_entity_poly.pdbx_seq_one_letter_code
_entity_poly.pdbx_strand_id
1 'polypeptide(L)'
;APPTLWSRVTKFGSGWGFWVSPTVFITTTHVIPTSAKEFFGEPLTSIAIHRAGEFTLFRFSKKIRPDLTGMILEEGCPEG
TVCSVLIKRDSGELLPLAVRMGAIASMRIQGRLVHGQSGMLLTGANAKGMDLGTIPGDCGAPYVYKRANDWVVCGVHAAA
TKSGNTVVCAVQ
;
A
2 'polypeptide(L)'
;PPTLWSRVTKFGSGWGFWVSPTVFITTTHVIPTSAKEFFGEPLTSIAIHRAGEFTLFRFSKKIRPDLTGMILEEGCPEGT
VCSVLIKRDSGELLPLAVRMGAIASMRIQGRLVHGQSGMLLTGANAKGMDLGTIPGDCGAPYVYKRANDWVVCGVHAAAT
KSGNTVVCAVQA
;
B
#
loop_
_chem_comp.id
_chem_comp.type
_chem_comp.name
_chem_comp.formula
MJW non-polymer 2-phenylmethoxyaniline 'C13 H13 N O'
#
# COMPACT_ATOMS: atom_id res chain seq x y z
N ALA A 1 -1.56 9.95 0.79
CA ALA A 1 -0.66 11.03 0.37
C ALA A 1 -1.55 12.10 -0.25
N PRO A 2 -1.18 13.38 -0.23
CA PRO A 2 -2.06 14.43 -0.73
C PRO A 2 -2.39 14.34 -2.21
N PRO A 3 -3.63 14.72 -2.60
CA PRO A 3 -4.00 14.74 -4.00
C PRO A 3 -3.03 15.47 -4.94
N THR A 4 -2.42 16.58 -4.51
CA THR A 4 -1.47 17.31 -5.41
CA THR A 4 -1.47 17.33 -5.34
C THR A 4 -0.28 16.42 -5.73
N LEU A 5 0.14 15.53 -4.82
CA LEU A 5 1.28 14.63 -5.17
C LEU A 5 0.83 13.62 -6.20
N TRP A 6 -0.34 13.03 -6.01
CA TRP A 6 -0.81 12.06 -7.04
C TRP A 6 -1.00 12.69 -8.42
N SER A 7 -1.47 13.97 -8.46
N SER A 7 -1.45 13.97 -8.46
CA SER A 7 -1.68 14.71 -9.72
CA SER A 7 -1.68 14.69 -9.73
C SER A 7 -0.38 14.79 -10.52
C SER A 7 -0.38 14.85 -10.51
N ARG A 8 0.79 14.81 -9.83
CA ARG A 8 2.11 14.97 -10.51
C ARG A 8 2.60 13.67 -11.13
N VAL A 9 2.04 12.53 -10.74
CA VAL A 9 2.50 11.20 -11.16
C VAL A 9 1.86 10.95 -12.55
N THR A 10 2.67 10.75 -13.55
CA THR A 10 2.34 10.77 -14.99
C THR A 10 2.76 9.48 -15.69
N LYS A 11 1.84 8.84 -16.43
CA LYS A 11 2.17 7.63 -17.20
C LYS A 11 3.15 8.06 -18.31
N PHE A 12 4.27 7.40 -18.48
CA PHE A 12 5.37 7.90 -19.31
C PHE A 12 6.21 6.73 -19.81
N GLY A 13 6.38 6.65 -21.15
CA GLY A 13 7.20 5.56 -21.70
C GLY A 13 6.69 4.21 -21.18
N SER A 14 7.57 3.36 -20.69
CA SER A 14 7.21 2.03 -20.11
C SER A 14 6.98 2.09 -18.60
N GLY A 15 6.83 3.29 -18.04
CA GLY A 15 6.63 3.43 -16.60
C GLY A 15 5.96 4.74 -16.26
N TRP A 16 6.64 5.56 -15.45
CA TRP A 16 6.11 6.79 -14.82
C TRP A 16 7.19 7.86 -14.76
N GLY A 17 6.74 9.08 -14.66
CA GLY A 17 7.58 10.19 -14.18
C GLY A 17 6.77 11.14 -13.30
N PHE A 18 7.42 12.23 -12.88
CA PHE A 18 6.86 13.08 -11.81
C PHE A 18 7.18 14.55 -12.05
N TRP A 19 6.15 15.38 -12.00
CA TRP A 19 6.33 16.84 -12.18
C TRP A 19 6.72 17.48 -10.82
N VAL A 20 7.96 17.92 -10.72
CA VAL A 20 8.46 18.69 -9.55
C VAL A 20 7.93 20.14 -9.57
N SER A 21 7.77 20.71 -10.75
CA SER A 21 7.28 22.09 -10.99
C SER A 21 6.59 22.18 -12.34
N PRO A 22 6.11 23.37 -12.76
CA PRO A 22 5.57 23.53 -14.13
C PRO A 22 6.55 23.17 -15.25
N THR A 23 7.88 23.31 -15.04
CA THR A 23 8.91 23.13 -16.08
C THR A 23 9.81 21.92 -15.85
N VAL A 24 9.70 21.20 -14.72
CA VAL A 24 10.71 20.15 -14.36
C VAL A 24 10.02 18.81 -14.14
N PHE A 25 10.46 17.84 -14.92
CA PHE A 25 9.90 16.46 -14.93
C PHE A 25 11.03 15.47 -14.68
N ILE A 26 10.89 14.56 -13.70
CA ILE A 26 11.96 13.57 -13.36
C ILE A 26 11.44 12.16 -13.63
N THR A 27 12.34 11.28 -14.05
CA THR A 27 11.99 9.88 -14.34
C THR A 27 13.25 9.00 -14.22
N THR A 28 13.03 7.69 -14.36
CA THR A 28 14.09 6.68 -14.41
C THR A 28 14.52 6.53 -15.89
N THR A 29 15.81 6.54 -16.14
CA THR A 29 16.35 6.63 -17.55
C THR A 29 15.82 5.49 -18.44
N HIS A 30 15.73 4.27 -17.91
CA HIS A 30 15.34 3.08 -18.71
C HIS A 30 13.87 3.14 -19.19
N VAL A 31 12.94 3.94 -18.67
CA VAL A 31 11.53 3.96 -19.19
C VAL A 31 11.38 4.90 -20.40
N ILE A 32 12.38 5.73 -20.71
CA ILE A 32 12.33 6.68 -21.86
C ILE A 32 12.55 5.92 -23.17
N PRO A 33 11.69 6.00 -24.22
CA PRO A 33 12.02 5.32 -25.46
C PRO A 33 13.28 5.90 -26.11
N THR A 34 14.16 4.99 -26.57
CA THR A 34 15.50 5.34 -27.16
C THR A 34 15.29 6.24 -28.40
N SER A 35 14.19 6.07 -29.13
CA SER A 35 14.03 6.83 -30.41
C SER A 35 13.37 8.21 -30.20
N ALA A 36 12.88 8.55 -28.99
CA ALA A 36 11.92 9.68 -28.85
C ALA A 36 12.64 11.01 -29.07
N LYS A 37 12.01 11.94 -29.80
CA LYS A 37 12.53 13.29 -30.15
C LYS A 37 11.53 14.36 -29.73
N GLU A 38 10.36 13.98 -29.19
CA GLU A 38 9.31 14.92 -28.78
C GLU A 38 8.70 14.51 -27.42
N PHE A 39 8.50 15.49 -26.55
CA PHE A 39 7.96 15.25 -25.18
C PHE A 39 6.99 16.38 -24.86
N PHE A 40 5.74 16.01 -24.57
CA PHE A 40 4.63 16.94 -24.28
C PHE A 40 4.49 17.96 -25.43
N GLY A 41 4.57 17.44 -26.65
CA GLY A 41 4.50 18.19 -27.91
C GLY A 41 5.60 19.23 -28.14
N GLU A 42 6.72 19.15 -27.41
CA GLU A 42 7.92 20.04 -27.54
C GLU A 42 9.11 19.27 -28.10
N PRO A 43 9.95 19.91 -28.95
CA PRO A 43 11.09 19.24 -29.55
C PRO A 43 12.28 19.24 -28.57
N LEU A 44 13.22 18.32 -28.74
CA LEU A 44 14.50 18.21 -27.96
C LEU A 44 15.21 19.56 -27.77
N THR A 45 15.33 20.34 -28.85
CA THR A 45 15.90 21.71 -28.86
C THR A 45 15.41 22.57 -27.70
N SER A 46 14.13 22.41 -27.33
CA SER A 46 13.41 23.31 -26.40
C SER A 46 13.48 22.72 -25.00
N ILE A 47 14.34 21.70 -24.78
CA ILE A 47 14.43 20.95 -23.47
C ILE A 47 15.90 20.78 -23.06
N ALA A 48 16.23 21.05 -21.78
CA ALA A 48 17.53 20.74 -21.16
C ALA A 48 17.46 19.41 -20.39
N ILE A 49 18.21 18.40 -20.85
CA ILE A 49 18.21 17.01 -20.31
C ILE A 49 19.47 16.80 -19.46
N HIS A 50 19.30 16.46 -18.17
CA HIS A 50 20.35 16.24 -17.15
C HIS A 50 20.28 14.80 -16.64
N ARG A 51 21.21 13.98 -17.09
CA ARG A 51 21.17 12.51 -16.82
C ARG A 51 22.36 12.11 -15.95
N ALA A 52 22.07 11.46 -14.84
CA ALA A 52 23.06 10.81 -13.93
C ALA A 52 22.66 9.35 -13.72
N GLY A 53 23.24 8.42 -14.47
CA GLY A 53 22.84 6.99 -14.39
C GLY A 53 21.36 6.78 -14.68
N GLU A 54 20.61 6.21 -13.72
CA GLU A 54 19.17 5.85 -13.91
C GLU A 54 18.30 7.02 -13.45
N PHE A 55 18.90 8.19 -13.14
CA PHE A 55 18.11 9.41 -12.84
C PHE A 55 18.16 10.34 -14.06
N THR A 56 17.02 10.75 -14.62
CA THR A 56 16.95 11.73 -15.72
C THR A 56 16.02 12.88 -15.28
N LEU A 57 16.49 14.12 -15.44
CA LEU A 57 15.66 15.33 -15.20
C LEU A 57 15.51 16.11 -16.52
N PHE A 58 14.27 16.48 -16.88
CA PHE A 58 13.91 17.26 -18.09
C PHE A 58 13.55 18.67 -17.60
N ARG A 59 14.22 19.71 -18.11
CA ARG A 59 13.81 21.11 -17.82
CA ARG A 59 13.80 21.10 -17.82
C ARG A 59 13.30 21.78 -19.10
N PHE A 60 12.02 22.15 -19.12
CA PHE A 60 11.30 22.69 -20.32
C PHE A 60 11.49 24.20 -20.39
N SER A 61 11.56 24.75 -21.61
CA SER A 61 11.53 26.23 -21.84
CA SER A 61 11.53 26.22 -21.85
C SER A 61 10.13 26.78 -21.57
N LYS A 62 9.08 26.01 -21.88
CA LYS A 62 7.68 26.47 -21.65
C LYS A 62 7.11 25.84 -20.37
N LYS A 63 6.11 26.46 -19.75
CA LYS A 63 5.36 25.87 -18.61
C LYS A 63 4.41 24.82 -19.18
N ILE A 64 4.74 23.58 -18.93
CA ILE A 64 3.90 22.44 -19.38
C ILE A 64 2.76 22.25 -18.38
N ARG A 65 3.03 22.36 -17.06
CA ARG A 65 2.01 22.08 -16.00
C ARG A 65 1.86 23.32 -15.14
N PRO A 66 1.24 24.39 -15.68
CA PRO A 66 1.00 25.63 -14.90
C PRO A 66 -0.01 25.46 -13.74
N ASP A 67 -0.71 24.34 -13.63
CA ASP A 67 -1.60 24.06 -12.48
C ASP A 67 -0.80 23.81 -11.19
N LEU A 68 0.48 23.44 -11.33
CA LEU A 68 1.33 23.00 -10.20
C LEU A 68 2.16 24.14 -9.60
N THR A 69 2.50 23.97 -8.30
CA THR A 69 3.50 24.80 -7.60
C THR A 69 4.83 24.02 -7.66
N GLY A 70 5.99 24.68 -7.70
CA GLY A 70 7.26 24.00 -7.52
C GLY A 70 7.40 23.46 -6.11
N MET A 71 7.98 22.27 -5.95
CA MET A 71 8.25 21.67 -4.62
C MET A 71 9.76 21.33 -4.51
N ILE A 72 10.16 20.89 -3.32
CA ILE A 72 11.58 20.54 -3.03
C ILE A 72 11.93 19.14 -3.57
N LEU A 73 12.97 19.07 -4.40
CA LEU A 73 13.69 17.86 -4.83
C LEU A 73 15.04 17.77 -4.08
N GLU A 74 15.26 16.72 -3.30
CA GLU A 74 16.55 16.49 -2.62
C GLU A 74 17.26 15.28 -3.22
N GLU A 75 18.54 15.16 -2.91
CA GLU A 75 19.45 14.07 -3.38
C GLU A 75 19.37 12.91 -2.37
N GLY A 76 18.35 12.08 -2.48
CA GLY A 76 18.08 11.04 -1.48
C GLY A 76 17.64 11.62 -0.15
N CYS A 77 17.57 10.78 0.90
CA CYS A 77 17.15 11.16 2.28
C CYS A 77 17.99 10.49 3.35
N PRO A 78 17.92 10.94 4.64
CA PRO A 78 18.75 10.36 5.69
C PRO A 78 18.40 8.86 5.81
N GLU A 79 19.39 8.07 6.18
CA GLU A 79 19.24 6.63 6.40
C GLU A 79 18.22 6.63 7.55
N GLY A 80 17.26 5.72 7.53
CA GLY A 80 16.22 5.61 8.55
C GLY A 80 14.90 6.29 8.21
N THR A 81 14.85 7.20 7.23
CA THR A 81 13.59 7.87 6.84
C THR A 81 12.60 6.84 6.28
N VAL A 82 11.34 6.93 6.68
CA VAL A 82 10.27 6.15 6.04
C VAL A 82 9.67 7.02 4.92
N CYS A 83 9.76 6.50 3.69
CA CYS A 83 9.17 7.14 2.48
C CYS A 83 7.93 6.35 2.03
N SER A 84 7.14 7.01 1.18
CA SER A 84 6.05 6.38 0.40
C SER A 84 6.46 6.37 -1.07
N VAL A 85 6.31 5.23 -1.76
CA VAL A 85 6.53 5.15 -3.22
C VAL A 85 5.14 5.28 -3.90
N LEU A 86 4.89 6.32 -4.68
CA LEU A 86 3.52 6.63 -5.17
C LEU A 86 3.22 5.85 -6.45
N ILE A 87 2.69 4.63 -6.29
CA ILE A 87 2.45 3.67 -7.37
C ILE A 87 0.95 3.66 -7.75
N LYS A 88 0.69 3.84 -9.04
CA LYS A 88 -0.70 3.75 -9.61
C LYS A 88 -0.84 2.31 -10.15
N ARG A 89 -1.98 1.66 -9.89
CA ARG A 89 -2.33 0.29 -10.40
C ARG A 89 -3.68 0.20 -11.15
N ASP A 90 -3.91 -0.90 -11.89
CA ASP A 90 -5.07 -1.20 -12.82
C ASP A 90 -6.36 -0.89 -12.08
N SER A 91 -6.70 0.41 -12.13
CA SER A 91 -8.06 1.00 -12.19
C SER A 91 -8.24 2.23 -11.29
N GLY A 92 -7.38 3.23 -11.35
CA GLY A 92 -7.54 4.30 -10.36
C GLY A 92 -7.26 3.81 -8.94
N GLU A 93 -6.64 2.61 -8.73
CA GLU A 93 -6.18 2.31 -7.35
C GLU A 93 -4.81 2.92 -7.14
N LEU A 94 -4.65 3.48 -5.98
CA LEU A 94 -3.45 4.24 -5.60
C LEU A 94 -2.77 3.48 -4.46
N LEU A 95 -1.50 3.12 -4.65
CA LEU A 95 -0.73 2.26 -3.69
C LEU A 95 0.48 3.05 -3.19
N PRO A 96 0.36 3.83 -2.09
CA PRO A 96 1.53 4.49 -1.47
C PRO A 96 2.32 3.50 -0.60
N LEU A 97 3.27 2.78 -1.21
CA LEU A 97 4.03 1.68 -0.53
C LEU A 97 5.02 2.28 0.47
N ALA A 98 4.95 1.83 1.71
CA ALA A 98 5.87 2.24 2.78
C ALA A 98 7.24 1.55 2.58
N VAL A 99 8.31 2.34 2.71
CA VAL A 99 9.70 1.84 2.57
CA VAL A 99 9.71 1.86 2.56
C VAL A 99 10.62 2.51 3.62
N ARG A 100 11.44 1.71 4.30
CA ARG A 100 12.50 2.27 5.19
C ARG A 100 13.82 2.43 4.38
N MET A 101 14.31 3.64 4.27
CA MET A 101 15.49 3.91 3.42
C MET A 101 16.79 3.62 4.21
N GLY A 102 17.76 3.14 3.45
CA GLY A 102 19.10 2.85 3.95
C GLY A 102 20.21 3.58 3.20
N ALA A 103 21.36 2.92 3.06
CA ALA A 103 22.56 3.55 2.43
C ALA A 103 22.46 3.60 0.91
N ILE A 104 23.28 4.48 0.33
CA ILE A 104 23.63 4.43 -1.11
C ILE A 104 24.33 3.09 -1.37
N ALA A 105 23.99 2.43 -2.47
CA ALA A 105 24.43 1.06 -2.79
C ALA A 105 24.66 0.85 -4.28
N SER A 106 25.60 -0.04 -4.61
CA SER A 106 25.78 -0.61 -5.95
C SER A 106 25.50 -2.10 -5.89
N MET A 107 24.59 -2.59 -6.72
CA MET A 107 24.09 -3.98 -6.71
C MET A 107 24.07 -4.54 -8.12
N ARG A 108 23.92 -5.84 -8.24
CA ARG A 108 23.61 -6.52 -9.51
C ARG A 108 22.25 -7.19 -9.31
N ILE A 109 21.33 -6.78 -10.18
CA ILE A 109 19.93 -7.28 -10.16
C ILE A 109 19.57 -7.85 -11.53
N GLN A 110 19.20 -9.14 -11.56
CA GLN A 110 19.01 -9.94 -12.79
C GLN A 110 20.18 -9.56 -13.69
N GLY A 111 19.90 -9.06 -14.88
CA GLY A 111 20.98 -8.71 -15.83
C GLY A 111 21.40 -7.25 -15.76
N ARG A 112 21.45 -6.61 -14.60
CA ARG A 112 21.77 -5.15 -14.62
C ARG A 112 22.62 -4.70 -13.44
N LEU A 113 23.54 -3.77 -13.67
CA LEU A 113 24.27 -3.07 -12.58
C LEU A 113 23.49 -1.80 -12.22
N VAL A 114 23.07 -1.68 -10.95
CA VAL A 114 22.16 -0.59 -10.49
C VAL A 114 22.87 0.14 -9.34
N HIS A 115 22.75 1.47 -9.32
CA HIS A 115 23.30 2.37 -8.28
C HIS A 115 22.25 3.37 -7.83
N GLY A 116 22.02 3.44 -6.54
CA GLY A 116 21.13 4.47 -5.95
C GLY A 116 20.93 4.27 -4.46
N GLN A 117 19.85 4.80 -3.88
CA GLN A 117 19.56 4.64 -2.44
C GLN A 117 18.75 3.36 -2.22
N SER A 118 19.27 2.40 -1.44
CA SER A 118 18.57 1.19 -1.09
C SER A 118 17.49 1.51 -0.03
N GLY A 119 16.48 0.62 -0.04
CA GLY A 119 15.45 0.58 1.00
C GLY A 119 14.81 -0.79 1.13
N MET A 120 14.05 -0.99 2.22
CA MET A 120 13.33 -2.26 2.47
C MET A 120 11.82 -1.96 2.69
N LEU A 121 10.97 -2.74 2.01
CA LEU A 121 9.52 -2.52 2.10
C LEU A 121 9.01 -2.79 3.50
N LEU A 122 8.01 -2.00 3.94
CA LEU A 122 7.34 -2.13 5.25
C LEU A 122 5.88 -2.54 5.05
N THR A 123 5.58 -3.27 3.98
CA THR A 123 4.21 -3.68 3.61
C THR A 123 3.88 -5.08 4.11
N GLY A 124 4.86 -5.88 4.50
CA GLY A 124 4.73 -7.31 4.85
C GLY A 124 6.09 -7.97 4.80
N ALA A 125 6.15 -9.27 5.06
CA ALA A 125 7.46 -9.98 5.16
C ALA A 125 7.87 -10.59 3.84
N ASN A 126 6.92 -10.96 3.00
CA ASN A 126 7.32 -11.67 1.75
C ASN A 126 6.56 -10.94 0.67
N ALA A 127 7.19 -9.85 0.18
CA ALA A 127 6.50 -8.80 -0.58
C ALA A 127 6.50 -9.09 -2.08
N LYS A 128 7.07 -10.21 -2.57
CA LYS A 128 7.24 -10.45 -4.02
C LYS A 128 5.87 -10.40 -4.69
N GLY A 129 5.68 -9.63 -5.74
CA GLY A 129 4.41 -9.63 -6.47
C GLY A 129 3.63 -8.38 -6.22
N MET A 130 2.51 -8.30 -6.92
CA MET A 130 1.81 -7.01 -7.17
C MET A 130 0.99 -6.57 -5.95
N ASP A 131 0.59 -7.49 -5.04
CA ASP A 131 -0.33 -7.16 -3.92
C ASP A 131 0.37 -6.27 -2.87
N LEU A 132 1.61 -6.63 -2.50
CA LEU A 132 2.33 -6.00 -1.37
C LEU A 132 3.64 -5.35 -1.86
N GLY A 133 4.04 -5.61 -3.10
CA GLY A 133 5.35 -5.16 -3.60
C GLY A 133 5.31 -4.46 -4.93
N THR A 134 6.49 -4.21 -5.51
CA THR A 134 6.62 -3.54 -6.80
C THR A 134 6.63 -4.56 -7.94
N ILE A 135 6.33 -4.07 -9.15
CA ILE A 135 6.42 -4.81 -10.45
C ILE A 135 7.22 -3.96 -11.44
N PRO A 136 7.77 -4.54 -12.52
CA PRO A 136 8.62 -3.74 -13.42
C PRO A 136 7.99 -2.43 -14.01
N GLY A 137 6.68 -2.44 -14.24
CA GLY A 137 5.92 -1.29 -14.75
C GLY A 137 5.86 -0.13 -13.76
N ASP A 138 6.35 -0.33 -12.53
CA ASP A 138 6.38 0.75 -11.49
C ASP A 138 7.61 1.68 -11.65
N CYS A 139 8.53 1.40 -12.55
CA CYS A 139 9.78 2.20 -12.65
C CYS A 139 9.42 3.65 -12.97
N GLY A 140 10.12 4.55 -12.29
CA GLY A 140 9.88 6.01 -12.35
C GLY A 140 8.93 6.57 -11.29
N ALA A 141 8.22 5.72 -10.53
CA ALA A 141 7.35 6.23 -9.47
C ALA A 141 8.14 7.00 -8.41
N PRO A 142 7.62 8.11 -7.85
CA PRO A 142 8.45 8.92 -6.96
C PRO A 142 8.48 8.36 -5.52
N TYR A 143 9.58 8.62 -4.81
CA TYR A 143 9.78 8.41 -3.36
C TYR A 143 9.62 9.76 -2.69
N VAL A 144 8.66 9.85 -1.77
CA VAL A 144 8.27 11.11 -1.07
C VAL A 144 8.17 10.87 0.44
N TYR A 145 8.38 11.95 1.21
CA TYR A 145 8.16 11.91 2.66
C TYR A 145 7.78 13.31 3.14
N LYS A 146 7.14 13.33 4.30
CA LYS A 146 6.71 14.59 4.94
C LYS A 146 7.76 15.04 5.97
N ARG A 147 8.17 16.32 5.89
CA ARG A 147 9.11 16.94 6.86
CA ARG A 147 9.11 16.92 6.89
C ARG A 147 8.46 18.20 7.45
N ALA A 148 8.20 18.18 8.75
CA ALA A 148 7.40 19.22 9.43
C ALA A 148 6.16 19.46 8.57
N ASN A 149 5.98 20.64 7.97
CA ASN A 149 4.70 20.91 7.25
C ASN A 149 4.85 20.80 5.73
N ASP A 150 6.02 20.39 5.23
CA ASP A 150 6.37 20.32 3.78
C ASP A 150 6.39 18.83 3.39
N TRP A 151 6.06 18.46 2.18
CA TRP A 151 6.51 17.20 1.50
C TRP A 151 7.71 17.45 0.58
N VAL A 152 8.55 16.43 0.47
CA VAL A 152 9.85 16.36 -0.28
C VAL A 152 9.75 15.17 -1.24
N VAL A 153 10.28 15.32 -2.45
CA VAL A 153 10.56 14.18 -3.36
C VAL A 153 12.07 13.95 -3.31
N CYS A 154 12.47 12.69 -3.19
CA CYS A 154 13.92 12.39 -3.03
C CYS A 154 14.48 11.33 -3.98
N GLY A 155 13.69 10.88 -4.95
CA GLY A 155 14.17 9.94 -5.97
C GLY A 155 13.05 9.30 -6.76
N VAL A 156 13.40 8.42 -7.69
CA VAL A 156 12.44 7.68 -8.55
C VAL A 156 12.77 6.19 -8.53
N HIS A 157 11.75 5.34 -8.62
CA HIS A 157 11.94 3.88 -8.56
C HIS A 157 12.77 3.33 -9.72
N ALA A 158 13.87 2.60 -9.42
CA ALA A 158 14.79 2.05 -10.44
C ALA A 158 14.77 0.53 -10.53
N ALA A 159 14.63 -0.17 -9.40
CA ALA A 159 14.79 -1.65 -9.38
C ALA A 159 14.30 -2.26 -8.07
N ALA A 160 14.03 -3.56 -8.11
CA ALA A 160 13.73 -4.36 -6.91
C ALA A 160 14.42 -5.71 -7.07
N THR A 161 14.87 -6.25 -5.96
CA THR A 161 15.52 -7.59 -5.96
C THR A 161 14.52 -8.68 -6.33
N LYS A 162 15.05 -9.85 -6.68
CA LYS A 162 14.28 -11.09 -6.94
C LYS A 162 13.27 -11.38 -5.81
N SER A 163 13.65 -11.28 -4.54
CA SER A 163 12.72 -11.50 -3.37
C SER A 163 11.67 -10.40 -3.30
N GLY A 164 11.98 -9.20 -3.78
CA GLY A 164 11.04 -8.06 -3.75
C GLY A 164 11.12 -7.26 -2.46
N ASN A 165 11.92 -7.69 -1.45
CA ASN A 165 11.98 -6.97 -0.15
C ASN A 165 12.86 -5.72 -0.24
N THR A 166 13.89 -5.75 -1.09
CA THR A 166 14.80 -4.59 -1.29
C THR A 166 14.41 -3.85 -2.58
N VAL A 167 14.35 -2.50 -2.49
CA VAL A 167 14.14 -1.60 -3.64
C VAL A 167 15.32 -0.63 -3.74
N VAL A 168 15.51 -0.07 -4.94
CA VAL A 168 16.53 1.00 -5.17
C VAL A 168 15.82 2.24 -5.82
N CYS A 169 16.01 3.42 -5.20
CA CYS A 169 15.62 4.84 -5.55
C CYS A 169 16.77 5.39 -6.41
N ALA A 170 16.65 5.72 -7.69
CA ALA A 170 17.67 6.54 -8.38
C ALA A 170 17.60 7.96 -7.83
N VAL A 171 18.74 8.60 -7.55
CA VAL A 171 18.84 9.97 -6.96
C VAL A 171 19.61 10.93 -7.86
N GLN A 172 19.28 12.20 -7.70
CA GLN A 172 19.96 13.27 -8.45
C GLN A 172 21.35 13.38 -7.88
N PRO B 1 -6.60 -12.51 -13.47
CA PRO B 1 -6.60 -13.28 -12.21
C PRO B 1 -6.79 -12.36 -11.01
N PRO B 2 -7.88 -12.51 -10.20
CA PRO B 2 -8.19 -11.58 -9.10
C PRO B 2 -7.15 -11.46 -7.97
N THR B 3 -6.71 -10.23 -7.74
CA THR B 3 -5.77 -9.80 -6.67
C THR B 3 -6.40 -10.11 -5.30
N LEU B 4 -5.62 -10.07 -4.23
CA LEU B 4 -6.18 -10.10 -2.85
C LEU B 4 -7.09 -8.88 -2.67
N TRP B 5 -6.70 -7.72 -3.20
CA TRP B 5 -7.41 -6.44 -2.96
C TRP B 5 -8.87 -6.52 -3.44
N SER B 6 -9.15 -7.29 -4.48
CA SER B 6 -10.56 -7.37 -4.96
C SER B 6 -11.49 -8.02 -3.95
N ARG B 7 -10.92 -8.75 -2.99
CA ARG B 7 -11.70 -9.43 -1.94
C ARG B 7 -12.10 -8.44 -0.82
N VAL B 8 -11.36 -7.34 -0.66
N VAL B 8 -11.44 -7.29 -0.72
CA VAL B 8 -11.66 -6.30 0.38
CA VAL B 8 -11.68 -6.34 0.41
C VAL B 8 -12.85 -5.49 -0.15
C VAL B 8 -12.78 -5.36 -0.05
N THR B 9 -13.90 -5.38 0.66
CA THR B 9 -15.23 -4.79 0.20
C THR B 9 -15.76 -3.85 1.29
N LYS B 10 -16.25 -2.66 0.91
CA LYS B 10 -16.89 -1.73 1.85
C LYS B 10 -18.18 -2.40 2.43
N PHE B 11 -18.41 -2.27 3.73
CA PHE B 11 -19.50 -3.02 4.40
C PHE B 11 -19.84 -2.38 5.75
N GLY B 12 -21.11 -1.97 5.91
CA GLY B 12 -21.52 -1.32 7.17
C GLY B 12 -20.72 -0.06 7.48
N SER B 13 -20.21 0.05 8.70
CA SER B 13 -19.38 1.19 9.12
C SER B 13 -17.88 0.94 8.83
N GLY B 14 -17.55 -0.14 8.13
CA GLY B 14 -16.15 -0.44 7.79
C GLY B 14 -16.00 -1.29 6.55
N TRP B 15 -15.35 -2.47 6.69
CA TRP B 15 -14.96 -3.32 5.53
C TRP B 15 -15.15 -4.79 5.92
N GLY B 16 -15.06 -5.67 4.96
CA GLY B 16 -14.92 -7.12 5.16
C GLY B 16 -14.14 -7.76 4.03
N PHE B 17 -14.04 -9.10 4.06
CA PHE B 17 -13.14 -9.84 3.14
C PHE B 17 -13.80 -11.15 2.66
N TRP B 18 -13.83 -11.31 1.33
CA TRP B 18 -14.29 -12.56 0.70
C TRP B 18 -13.20 -13.65 0.75
N VAL B 19 -13.41 -14.68 1.56
CA VAL B 19 -12.56 -15.87 1.69
C VAL B 19 -12.79 -16.80 0.49
N SER B 20 -14.04 -16.87 0.00
CA SER B 20 -14.42 -17.74 -1.12
C SER B 20 -15.66 -17.15 -1.79
N PRO B 21 -16.22 -17.81 -2.85
CA PRO B 21 -17.48 -17.25 -3.42
C PRO B 21 -18.68 -17.11 -2.48
N THR B 22 -18.73 -17.92 -1.41
CA THR B 22 -19.86 -17.97 -0.45
C THR B 22 -19.51 -17.49 0.97
N VAL B 23 -18.24 -17.24 1.28
CA VAL B 23 -17.84 -16.92 2.69
C VAL B 23 -17.24 -15.51 2.78
N PHE B 24 -17.80 -14.67 3.64
CA PHE B 24 -17.39 -13.28 3.90
C PHE B 24 -17.12 -13.10 5.41
N ILE B 25 -15.98 -12.49 5.77
CA ILE B 25 -15.63 -12.26 7.18
C ILE B 25 -15.56 -10.75 7.43
N THR B 26 -15.92 -10.34 8.67
CA THR B 26 -15.86 -8.91 9.08
C THR B 26 -15.73 -8.78 10.61
N THR B 27 -15.60 -7.53 11.08
CA THR B 27 -15.58 -7.21 12.53
C THR B 27 -17.04 -7.03 12.97
N THR B 28 -17.43 -7.69 14.04
CA THR B 28 -18.84 -7.72 14.50
C THR B 28 -19.40 -6.30 14.65
N HIS B 29 -18.66 -5.33 15.21
CA HIS B 29 -19.25 -4.00 15.51
C HIS B 29 -19.53 -3.16 14.25
N VAL B 30 -19.02 -3.53 13.05
CA VAL B 30 -19.32 -2.71 11.86
C VAL B 30 -20.60 -3.19 11.16
N ILE B 31 -21.17 -4.31 11.57
CA ILE B 31 -22.36 -4.90 10.87
C ILE B 31 -23.61 -4.05 11.19
N PRO B 32 -24.40 -3.63 10.21
CA PRO B 32 -25.66 -2.94 10.54
C PRO B 32 -26.52 -3.74 11.54
N THR B 33 -27.24 -2.99 12.39
CA THR B 33 -28.20 -3.62 13.32
C THR B 33 -29.64 -3.57 12.80
N SER B 34 -29.90 -2.88 11.69
CA SER B 34 -31.21 -2.84 11.00
CA SER B 34 -31.21 -2.85 10.99
C SER B 34 -30.95 -3.26 9.54
N ALA B 35 -31.39 -4.45 9.16
CA ALA B 35 -31.19 -4.99 7.79
C ALA B 35 -32.16 -6.14 7.50
N LYS B 36 -32.57 -6.25 6.23
CA LYS B 36 -33.33 -7.45 5.76
C LYS B 36 -32.55 -8.20 4.68
N GLU B 37 -31.43 -7.69 4.20
CA GLU B 37 -30.59 -8.40 3.21
C GLU B 37 -29.16 -7.88 3.33
N PHE B 38 -28.21 -8.67 2.81
CA PHE B 38 -26.83 -8.21 2.53
C PHE B 38 -26.42 -8.75 1.13
N PHE B 39 -25.79 -7.85 0.36
CA PHE B 39 -25.28 -8.14 -1.00
C PHE B 39 -26.41 -8.71 -1.85
N GLY B 40 -27.63 -8.28 -1.59
CA GLY B 40 -28.81 -8.67 -2.39
C GLY B 40 -29.51 -9.96 -1.92
N GLU B 41 -28.99 -10.63 -0.90
CA GLU B 41 -29.49 -11.94 -0.42
C GLU B 41 -30.30 -11.69 0.84
N PRO B 42 -31.54 -12.25 0.92
CA PRO B 42 -32.29 -12.10 2.15
C PRO B 42 -31.54 -12.76 3.31
N LEU B 43 -31.69 -12.18 4.50
CA LEU B 43 -31.00 -12.65 5.72
C LEU B 43 -31.42 -14.09 6.06
N THR B 44 -32.65 -14.50 5.73
CA THR B 44 -33.11 -15.93 5.83
C THR B 44 -32.09 -16.82 5.12
N SER B 45 -31.54 -16.39 3.98
CA SER B 45 -30.57 -17.19 3.16
C SER B 45 -29.15 -17.19 3.76
N ILE B 46 -28.91 -16.50 4.88
CA ILE B 46 -27.49 -16.29 5.34
C ILE B 46 -27.33 -16.96 6.70
N ALA B 47 -26.27 -17.78 6.80
CA ALA B 47 -25.82 -18.33 8.11
C ALA B 47 -24.79 -17.36 8.71
N ILE B 48 -25.07 -16.82 9.89
CA ILE B 48 -24.21 -15.85 10.60
C ILE B 48 -23.60 -16.53 11.83
N HIS B 49 -22.27 -16.59 11.87
CA HIS B 49 -21.48 -17.19 12.95
C HIS B 49 -20.68 -16.11 13.69
N ARG B 50 -21.10 -15.71 14.87
CA ARG B 50 -20.52 -14.59 15.65
C ARG B 50 -19.71 -15.19 16.81
N ALA B 51 -18.47 -14.74 16.97
CA ALA B 51 -17.58 -15.04 18.13
C ALA B 51 -16.85 -13.78 18.59
N GLY B 52 -17.36 -13.09 19.60
CA GLY B 52 -16.87 -11.78 20.01
C GLY B 52 -16.81 -10.84 18.82
N GLU B 53 -15.63 -10.21 18.57
CA GLU B 53 -15.46 -9.22 17.49
C GLU B 53 -15.23 -9.87 16.10
N PHE B 54 -15.26 -11.20 15.96
CA PHE B 54 -15.16 -11.91 14.65
C PHE B 54 -16.52 -12.39 14.22
N THR B 55 -16.97 -12.05 13.00
CA THR B 55 -18.18 -12.62 12.38
C THR B 55 -17.88 -13.22 11.00
N LEU B 56 -18.39 -14.42 10.74
CA LEU B 56 -18.39 -15.10 9.43
C LEU B 56 -19.83 -15.27 8.90
N PHE B 57 -20.00 -14.87 7.66
CA PHE B 57 -21.24 -15.06 6.88
C PHE B 57 -21.04 -16.18 5.86
N ARG B 58 -21.96 -17.15 5.80
CA ARG B 58 -21.96 -18.20 4.74
CA ARG B 58 -21.94 -18.17 4.72
C ARG B 58 -23.27 -18.05 3.94
N PHE B 59 -23.14 -17.69 2.67
CA PHE B 59 -24.30 -17.45 1.74
C PHE B 59 -24.72 -18.77 1.08
N SER B 60 -26.02 -18.94 0.82
CA SER B 60 -26.58 -20.17 0.17
C SER B 60 -26.34 -20.15 -1.35
N LYS B 61 -25.95 -19.02 -1.92
CA LYS B 61 -25.52 -19.00 -3.35
C LYS B 61 -24.18 -18.28 -3.53
N LYS B 62 -23.62 -18.41 -4.73
CA LYS B 62 -22.28 -17.88 -5.04
C LYS B 62 -22.44 -16.39 -5.31
N ILE B 63 -21.92 -15.57 -4.41
CA ILE B 63 -21.95 -14.09 -4.56
C ILE B 63 -20.72 -13.62 -5.34
N ARG B 64 -19.56 -14.27 -5.16
CA ARG B 64 -18.30 -13.83 -5.83
C ARG B 64 -17.74 -15.03 -6.57
N PRO B 65 -18.41 -15.51 -7.65
CA PRO B 65 -17.95 -16.70 -8.37
C PRO B 65 -16.60 -16.54 -9.11
N ASP B 66 -16.09 -15.31 -9.19
CA ASP B 66 -14.79 -14.98 -9.85
C ASP B 66 -13.66 -15.42 -8.94
N LEU B 67 -13.91 -15.66 -7.64
CA LEU B 67 -12.82 -16.02 -6.68
C LEU B 67 -12.65 -17.53 -6.48
N THR B 68 -11.42 -17.96 -6.18
CA THR B 68 -11.14 -19.28 -5.56
C THR B 68 -11.21 -19.18 -4.02
N GLY B 69 -11.45 -20.29 -3.33
CA GLY B 69 -11.36 -20.36 -1.86
C GLY B 69 -9.93 -20.33 -1.38
N MET B 70 -9.68 -19.53 -0.37
CA MET B 70 -8.36 -19.46 0.24
C MET B 70 -8.43 -19.94 1.71
N ILE B 71 -7.26 -20.19 2.30
CA ILE B 71 -7.11 -20.76 3.67
C ILE B 71 -7.46 -19.69 4.73
N LEU B 72 -8.42 -19.98 5.61
CA LEU B 72 -8.76 -19.20 6.80
C LEU B 72 -8.32 -20.00 8.04
N GLU B 73 -7.50 -19.39 8.89
CA GLU B 73 -7.04 -19.99 10.18
C GLU B 73 -7.42 -19.09 11.35
N GLU B 74 -7.32 -19.68 12.55
CA GLU B 74 -7.69 -19.07 13.86
CA GLU B 74 -7.69 -19.05 13.86
C GLU B 74 -6.46 -18.31 14.37
N GLY B 75 -6.22 -17.12 13.86
CA GLY B 75 -4.95 -16.44 14.19
C GLY B 75 -3.73 -17.08 13.56
N CYS B 76 -2.53 -16.72 14.03
CA CYS B 76 -1.27 -17.20 13.42
C CYS B 76 -0.25 -17.40 14.54
N PRO B 77 0.86 -18.11 14.26
CA PRO B 77 1.91 -18.32 15.27
C PRO B 77 2.45 -16.97 15.76
N GLU B 78 2.79 -16.95 17.03
CA GLU B 78 3.35 -15.72 17.62
CA GLU B 78 3.39 -15.75 17.69
C GLU B 78 4.63 -15.38 16.86
N GLY B 79 4.80 -14.10 16.56
CA GLY B 79 5.95 -13.61 15.78
C GLY B 79 5.73 -13.59 14.27
N THR B 80 4.64 -14.15 13.76
CA THR B 80 4.35 -14.00 12.31
C THR B 80 4.22 -12.50 11.95
N VAL B 81 4.83 -12.06 10.85
CA VAL B 81 4.58 -10.71 10.32
C VAL B 81 3.46 -10.81 9.26
N CYS B 82 2.32 -10.21 9.60
CA CYS B 82 1.14 -10.14 8.70
C CYS B 82 1.11 -8.76 8.01
N SER B 83 0.27 -8.65 6.98
CA SER B 83 -0.13 -7.37 6.36
C SER B 83 -1.60 -7.15 6.70
N VAL B 84 -1.95 -5.97 7.19
CA VAL B 84 -3.36 -5.52 7.29
C VAL B 84 -3.71 -4.82 5.95
N LEU B 85 -4.72 -5.30 5.23
CA LEU B 85 -5.07 -4.77 3.88
C LEU B 85 -6.12 -3.66 4.01
N ILE B 86 -5.64 -2.44 4.21
CA ILE B 86 -6.51 -1.26 4.47
C ILE B 86 -6.94 -0.62 3.15
N LYS B 87 -8.24 -0.46 2.89
CA LYS B 87 -8.73 0.36 1.78
C LYS B 87 -9.27 1.68 2.37
N ARG B 88 -9.12 2.76 1.64
CA ARG B 88 -9.67 4.12 1.97
C ARG B 88 -10.63 4.59 0.86
N ASP B 89 -11.63 5.43 1.21
CA ASP B 89 -12.60 5.92 0.20
C ASP B 89 -11.99 6.90 -0.83
N SER B 90 -10.76 7.30 -0.67
CA SER B 90 -9.97 7.99 -1.74
C SER B 90 -9.56 7.08 -2.92
N GLY B 91 -9.61 5.75 -2.79
CA GLY B 91 -9.02 4.81 -3.74
C GLY B 91 -7.61 4.38 -3.32
N GLU B 92 -7.10 4.85 -2.20
CA GLU B 92 -5.79 4.35 -1.68
C GLU B 92 -5.94 2.97 -1.02
N LEU B 93 -4.92 2.15 -1.30
CA LEU B 93 -4.66 0.79 -0.76
C LEU B 93 -3.40 0.86 0.10
N LEU B 94 -3.51 0.53 1.38
CA LEU B 94 -2.42 0.73 2.35
C LEU B 94 -2.11 -0.61 3.04
N PRO B 95 -1.23 -1.45 2.44
CA PRO B 95 -0.78 -2.68 3.13
C PRO B 95 0.29 -2.33 4.18
N LEU B 96 0.00 -2.62 5.43
CA LEU B 96 0.93 -2.28 6.54
C LEU B 96 1.40 -3.53 7.28
N ALA B 97 2.73 -3.66 7.46
CA ALA B 97 3.34 -4.80 8.15
C ALA B 97 3.04 -4.68 9.66
N VAL B 98 2.61 -5.79 10.26
CA VAL B 98 2.26 -5.88 11.70
CA VAL B 98 2.27 -5.87 11.71
C VAL B 98 2.90 -7.15 12.28
N ARG B 99 3.64 -7.02 13.40
CA ARG B 99 4.20 -8.23 14.07
C ARG B 99 3.15 -8.75 15.06
N MET B 100 2.76 -10.01 14.91
CA MET B 100 1.68 -10.58 15.73
C MET B 100 2.25 -11.22 17.01
N GLY B 101 1.53 -11.01 18.10
CA GLY B 101 1.88 -11.50 19.44
C GLY B 101 0.88 -12.51 19.96
N ALA B 102 0.60 -12.42 21.28
CA ALA B 102 -0.29 -13.36 21.97
C ALA B 102 -1.76 -13.03 21.77
N ILE B 103 -2.54 -14.07 21.96
CA ILE B 103 -4.00 -13.93 22.17
C ILE B 103 -4.21 -13.38 23.60
N ALA B 104 -5.02 -12.36 23.78
CA ALA B 104 -5.18 -11.71 25.08
C ALA B 104 -6.43 -10.86 25.11
N SER B 105 -6.85 -10.45 26.31
CA SER B 105 -7.84 -9.36 26.46
CA SER B 105 -7.86 -9.38 26.53
C SER B 105 -7.07 -8.09 26.81
N MET B 106 -7.20 -7.09 25.97
CA MET B 106 -6.31 -5.93 26.00
C MET B 106 -7.15 -4.72 26.26
N ARG B 107 -6.60 -3.81 27.02
CA ARG B 107 -7.27 -2.55 27.29
C ARG B 107 -6.84 -1.58 26.18
N ILE B 108 -7.77 -1.18 25.32
CA ILE B 108 -7.55 -0.35 24.09
C ILE B 108 -8.48 0.86 24.21
N GLN B 109 -7.89 2.03 24.46
CA GLN B 109 -8.66 3.29 24.71
C GLN B 109 -9.79 3.04 25.74
N GLY B 110 -9.45 2.46 26.89
CA GLY B 110 -10.42 2.32 28.00
C GLY B 110 -11.40 1.17 27.86
N ARG B 111 -11.31 0.35 26.80
CA ARG B 111 -12.27 -0.79 26.62
C ARG B 111 -11.49 -2.12 26.44
N LEU B 112 -12.06 -3.21 26.93
CA LEU B 112 -11.52 -4.57 26.76
C LEU B 112 -11.87 -5.10 25.36
N VAL B 113 -10.87 -5.55 24.66
CA VAL B 113 -11.06 -6.17 23.34
C VAL B 113 -10.30 -7.50 23.39
N HIS B 114 -10.91 -8.61 23.02
CA HIS B 114 -10.21 -9.93 22.96
C HIS B 114 -9.81 -10.29 21.53
N GLY B 115 -8.57 -10.70 21.33
CA GLY B 115 -8.06 -11.13 20.02
C GLY B 115 -6.57 -11.31 20.03
N GLN B 116 -5.97 -11.35 18.85
CA GLN B 116 -4.50 -11.48 18.75
C GLN B 116 -3.90 -10.06 18.68
N SER B 117 -2.99 -9.75 19.61
CA SER B 117 -2.28 -8.46 19.66
C SER B 117 -1.34 -8.37 18.47
N GLY B 118 -1.10 -7.16 18.03
CA GLY B 118 -0.04 -6.92 17.05
C GLY B 118 0.59 -5.53 17.23
N MET B 119 1.79 -5.35 16.71
CA MET B 119 2.53 -4.06 16.72
C MET B 119 2.84 -3.62 15.28
N LEU B 120 2.43 -2.41 14.89
CA LEU B 120 2.75 -1.85 13.56
C LEU B 120 4.27 -1.71 13.43
N LEU B 121 4.80 -2.03 12.25
CA LEU B 121 6.25 -1.97 11.98
C LEU B 121 6.60 -0.79 11.07
N THR B 122 5.74 0.21 10.96
CA THR B 122 5.95 1.36 10.05
C THR B 122 6.62 2.55 10.76
N GLY B 123 6.99 2.47 12.03
CA GLY B 123 7.89 3.45 12.64
C GLY B 123 7.17 4.49 13.48
N ALA B 124 8.00 5.36 14.10
CA ALA B 124 7.71 6.36 15.16
C ALA B 124 6.24 6.78 15.07
N ASN B 125 5.92 7.81 14.26
CA ASN B 125 4.52 8.24 14.12
C ASN B 125 4.16 8.42 12.66
N ALA B 126 3.20 7.59 12.23
CA ALA B 126 2.45 7.63 10.96
C ALA B 126 1.80 8.99 10.76
N LYS B 127 1.28 9.59 11.83
CA LYS B 127 0.52 10.88 11.75
C LYS B 127 1.25 11.80 10.76
N GLY B 128 0.50 12.28 9.78
CA GLY B 128 1.04 12.96 8.61
C GLY B 128 1.09 12.01 7.42
N MET B 129 1.70 10.83 7.57
CA MET B 129 2.00 9.97 6.40
C MET B 129 1.06 8.74 6.40
N ASP B 130 0.96 8.02 5.29
CA ASP B 130 0.09 6.80 5.13
C ASP B 130 0.78 5.60 5.78
N LEU B 131 0.79 5.56 7.12
CA LEU B 131 1.62 4.57 7.89
C LEU B 131 0.86 3.90 9.02
N GLY B 132 -0.37 4.29 9.26
CA GLY B 132 -1.10 3.79 10.45
C GLY B 132 -2.58 3.62 10.22
N THR B 133 -3.31 2.99 11.16
CA THR B 133 -4.77 2.74 11.02
C THR B 133 -5.56 3.96 11.52
N ILE B 134 -6.82 4.06 11.09
CA ILE B 134 -7.84 5.03 11.58
C ILE B 134 -9.12 4.30 11.90
N PRO B 135 -10.06 4.90 12.64
CA PRO B 135 -11.30 4.20 13.00
C PRO B 135 -12.13 3.57 11.86
N GLY B 136 -12.28 4.23 10.69
CA GLY B 136 -13.05 3.69 9.55
C GLY B 136 -12.46 2.42 8.92
N ASP B 137 -11.29 1.98 9.39
CA ASP B 137 -10.54 0.83 8.78
C ASP B 137 -11.00 -0.49 9.36
N CYS B 138 -11.92 -0.51 10.32
CA CYS B 138 -12.29 -1.78 11.00
C CYS B 138 -12.89 -2.78 9.99
N GLY B 139 -12.55 -4.07 10.18
CA GLY B 139 -12.92 -5.18 9.30
C GLY B 139 -11.88 -5.53 8.23
N ALA B 140 -10.84 -4.68 8.03
CA ALA B 140 -9.74 -5.02 7.11
C ALA B 140 -9.10 -6.35 7.52
N PRO B 141 -8.74 -7.19 6.54
CA PRO B 141 -8.20 -8.52 6.88
C PRO B 141 -6.69 -8.45 7.24
N TYR B 142 -6.26 -9.41 8.06
CA TYR B 142 -4.85 -9.76 8.31
C TYR B 142 -4.45 -10.99 7.49
N VAL B 143 -3.43 -10.84 6.62
CA VAL B 143 -2.95 -11.92 5.72
C VAL B 143 -1.43 -12.11 5.80
N TYR B 144 -0.97 -13.31 5.41
CA TYR B 144 0.47 -13.57 5.22
C TYR B 144 0.66 -14.71 4.24
N LYS B 145 1.86 -14.78 3.68
CA LYS B 145 2.24 -15.80 2.67
C LYS B 145 3.05 -16.92 3.35
N ARG B 146 2.72 -18.17 3.08
CA ARG B 146 3.34 -19.35 3.73
C ARG B 146 3.64 -20.34 2.62
N ALA B 147 4.92 -20.46 2.23
CA ALA B 147 5.37 -21.09 0.97
C ALA B 147 4.57 -20.45 -0.21
N ASN B 148 3.82 -21.23 -0.98
CA ASN B 148 3.05 -20.68 -2.14
C ASN B 148 1.66 -20.27 -1.69
N ASP B 149 1.27 -20.51 -0.42
CA ASP B 149 -0.13 -20.34 0.00
C ASP B 149 -0.35 -18.99 0.72
N TRP B 150 -1.37 -18.24 0.33
CA TRP B 150 -1.86 -17.07 1.10
C TRP B 150 -2.76 -17.56 2.21
N VAL B 151 -2.65 -16.95 3.38
CA VAL B 151 -3.48 -17.28 4.55
C VAL B 151 -4.12 -16.00 5.08
N VAL B 152 -5.42 -16.05 5.40
CA VAL B 152 -6.13 -14.97 6.14
C VAL B 152 -6.33 -15.50 7.56
N CYS B 153 -6.04 -14.69 8.55
CA CYS B 153 -6.07 -15.14 9.95
C CYS B 153 -6.88 -14.27 10.89
N GLY B 154 -7.54 -13.23 10.38
CA GLY B 154 -8.49 -12.47 11.21
C GLY B 154 -8.79 -11.09 10.62
N VAL B 155 -9.49 -10.28 11.39
CA VAL B 155 -10.02 -8.97 10.93
C VAL B 155 -9.69 -7.85 11.94
N HIS B 156 -9.52 -6.64 11.44
CA HIS B 156 -9.05 -5.48 12.25
C HIS B 156 -10.18 -5.02 13.19
N ALA B 157 -10.00 -5.16 14.52
CA ALA B 157 -11.03 -4.84 15.56
C ALA B 157 -10.81 -3.56 16.32
N ALA B 158 -9.56 -3.17 16.61
CA ALA B 158 -9.28 -2.04 17.51
C ALA B 158 -7.85 -1.56 17.32
N ALA B 159 -7.59 -0.33 17.72
CA ALA B 159 -6.21 0.21 17.72
C ALA B 159 -6.10 1.26 18.81
N THR B 160 -4.93 1.40 19.40
CA THR B 160 -4.65 2.52 20.33
C THR B 160 -4.53 3.86 19.61
N LYS B 161 -4.86 4.97 20.31
CA LYS B 161 -4.69 6.38 19.89
C LYS B 161 -3.24 6.62 19.47
N SER B 162 -2.32 6.13 20.34
CA SER B 162 -0.85 6.11 20.13
C SER B 162 -0.56 5.70 18.70
N GLY B 163 -1.05 4.54 18.28
CA GLY B 163 -0.70 3.99 16.96
C GLY B 163 -0.04 2.63 17.04
N ASN B 164 0.83 2.33 18.04
CA ASN B 164 1.66 1.08 18.01
C ASN B 164 0.82 -0.23 18.03
N THR B 165 -0.26 -0.34 18.81
CA THR B 165 -0.88 -1.62 19.14
C THR B 165 -2.23 -1.70 18.42
N VAL B 166 -2.43 -2.86 17.83
CA VAL B 166 -3.70 -3.25 17.13
C VAL B 166 -4.21 -4.57 17.74
N VAL B 167 -5.47 -4.85 17.50
CA VAL B 167 -6.07 -6.18 17.83
C VAL B 167 -6.74 -6.72 16.58
N CYS B 168 -6.37 -7.96 16.23
CA CYS B 168 -6.91 -8.81 15.12
C CYS B 168 -7.91 -9.77 15.77
N ALA B 169 -9.20 -9.60 15.49
CA ALA B 169 -10.19 -10.57 16.02
C ALA B 169 -10.08 -11.88 15.20
N VAL B 170 -10.25 -13.01 15.86
CA VAL B 170 -10.01 -14.37 15.28
C VAL B 170 -11.23 -15.27 15.45
N GLN B 171 -11.33 -16.21 14.53
CA GLN B 171 -12.36 -17.28 14.52
C GLN B 171 -12.18 -18.12 15.78
N ALA B 172 -13.28 -18.56 16.38
CA ALA B 172 -13.26 -19.53 17.51
C ALA B 172 -13.07 -20.95 16.97
N1 MJW C . 10.53 -10.06 13.09
C4 MJW C . 10.18 -7.03 10.19
C5 MJW C . 9.59 -7.57 9.06
C6 MJW C . 9.12 -6.76 8.04
C7 MJW C . 10.63 -7.90 11.33
C8 MJW C . 10.64 -7.77 13.76
C10 MJW C . 11.74 -7.17 15.83
C13 MJW C . 10.95 -9.12 14.02
C1 MJW C . 9.26 -5.39 8.14
C2 MJW C . 9.86 -4.83 9.24
C3 MJW C . 10.31 -5.64 10.28
O1 MJW C . 9.99 -7.52 12.58
C9 MJW C . 11.04 -6.80 14.69
C11 MJW C . 12.05 -8.50 16.07
C12 MJW C . 11.64 -9.48 15.17
#